data_4D8S
#
_entry.id   4D8S
#
_cell.length_a   89.388
_cell.length_b   89.388
_cell.length_c   94.754
_cell.angle_alpha   90.00
_cell.angle_beta   90.00
_cell.angle_gamma   90.00
#
_symmetry.space_group_name_H-M   'I 4'
#
loop_
_entity.id
_entity.type
_entity.pdbx_description
1 polymer Neuraminidase
2 non-polymer 'CALCIUM ION'
3 non-polymer 'pentan-3-yl 2-acetamido-2,4-dideoxy-alpha-L-threo-hex-4-enopyranosiduronic acid'
4 water water
#
_entity_poly.entity_id   1
_entity_poly.type   'polypeptide(L)'
_entity_poly.pdbx_seq_one_letter_code
;TYMNNTEAICDAKGFAPFSKDNGIRIGSRGHIFVIREPFVSCSPIECRTFFLTQGSLLNDKHSNGTVKDRSPFRTLMSVE
VGQSPNVYQARFEAVAWSATACHDGKKWMTVGVTGPDSKAVAVIHYGGVPTDVVNSWAGDILRTQESSCTCIQGDCYWVM
TDGPANRQAQYRIYKANQGRIIGQTDISFNGGHIEECSCYPNDGKVECVCRDNWTGTNRPVLVISPDLSYRVGYLCAGIP
SDTPRGEDTQFTGSCTSPMGNQGYGVKGFGFRQGTDVWMGRTISRTSRSGFEILRIKNGWTQTSKEQIRKQVVVDNLNWS
GYSGSFTLPVELSGKDCLVPCFWVEMIRGKPEEKTIWTSSSSIVMCGVDYEVADWSWHDGAILPFDIDKM
;
_entity_poly.pdbx_strand_id   A
#
# COMPACT_ATOMS: atom_id res chain seq x y z
N THR A 1 -11.69 11.24 21.41
CA THR A 1 -11.49 12.52 20.75
C THR A 1 -10.89 12.33 19.35
N TYR A 2 -11.37 13.13 18.41
CA TYR A 2 -10.89 13.07 17.03
C TYR A 2 -9.38 13.23 16.93
N MET A 3 -8.79 12.70 15.87
CA MET A 3 -7.34 12.70 15.71
C MET A 3 -6.92 13.60 14.55
N ASN A 4 -6.05 14.55 14.85
CA ASN A 4 -5.67 15.60 13.90
C ASN A 4 -4.45 15.24 13.06
N ASN A 5 -4.68 14.72 11.87
CA ASN A 5 -3.57 14.51 10.95
C ASN A 5 -3.39 15.76 10.11
N THR A 6 -3.27 16.90 10.79
CA THR A 6 -3.09 18.20 10.14
C THR A 6 -1.61 18.48 9.83
N GLU A 7 -0.72 18.04 10.72
CA GLU A 7 0.70 18.37 10.60
C GLU A 7 1.34 17.91 9.29
N ALA A 8 2.49 18.50 8.98
CA ALA A 8 3.25 18.07 7.83
C ALA A 8 4.05 16.84 8.24
N ILE A 9 4.89 16.35 7.34
CA ILE A 9 5.73 15.22 7.65
C ILE A 9 7.06 15.63 8.30
N CYS A 10 7.42 14.94 9.36
CA CYS A 10 8.74 15.08 9.93
C CYS A 10 9.69 14.77 8.81
N ASP A 11 10.49 15.74 8.42
CA ASP A 11 11.58 15.47 7.49
C ASP A 11 12.46 14.38 8.11
N ALA A 12 12.69 13.29 7.37
CA ALA A 12 13.41 12.13 7.93
C ALA A 12 14.65 11.73 7.12
N LYS A 13 15.64 11.18 7.83
CA LYS A 13 16.95 10.91 7.24
C LYS A 13 17.15 9.45 6.88
N GLY A 14 16.67 8.55 7.73
CA GLY A 14 16.78 7.14 7.45
C GLY A 14 15.51 6.41 7.85
N PHE A 15 15.55 5.09 7.76
CA PHE A 15 14.43 4.26 8.20
C PHE A 15 14.91 3.11 9.07
N ALA A 16 14.31 3.00 10.26
CA ALA A 16 14.65 1.94 11.20
C ALA A 16 13.52 0.91 11.30
N PRO A 17 13.87 -0.39 11.45
CA PRO A 17 12.88 -1.47 11.58
C PRO A 17 11.87 -1.25 12.71
N PHE A 18 10.59 -1.51 12.41
CA PHE A 18 9.52 -1.29 13.36
C PHE A 18 8.96 -2.64 13.80
N SER A 19 8.67 -3.49 12.82
CA SER A 19 8.19 -4.83 13.11
C SER A 19 8.47 -5.84 11.99
N LYS A 20 8.27 -7.12 12.29
CA LYS A 20 8.43 -8.21 11.34
C LYS A 20 7.70 -9.42 11.87
N ASP A 21 6.78 -9.98 11.10
CA ASP A 21 5.90 -11.02 11.64
C ASP A 21 6.43 -12.47 11.49
N ASN A 22 7.22 -12.71 10.44
CA ASN A 22 7.73 -14.04 10.14
C ASN A 22 6.61 -15.03 9.90
N GLY A 23 5.45 -14.50 9.54
CA GLY A 23 4.24 -15.30 9.36
C GLY A 23 4.47 -16.60 8.62
N ILE A 24 5.12 -16.52 7.46
CA ILE A 24 5.30 -17.70 6.62
C ILE A 24 6.23 -18.73 7.24
N ARG A 25 7.27 -18.27 7.94
CA ARG A 25 8.18 -19.16 8.67
C ARG A 25 7.45 -19.81 9.81
N ILE A 26 6.53 -19.06 10.40
CA ILE A 26 5.75 -19.56 11.51
C ILE A 26 4.66 -20.48 10.98
N GLY A 27 4.15 -20.19 9.79
CA GLY A 27 3.04 -20.94 9.24
C GLY A 27 3.31 -22.42 8.99
N SER A 28 4.59 -22.78 8.87
CA SER A 28 4.96 -24.15 8.59
C SER A 28 4.36 -25.08 9.64
N ARG A 29 4.25 -24.56 10.86
CA ARG A 29 3.73 -25.33 12.00
C ARG A 29 2.46 -24.72 12.60
N GLY A 30 2.55 -23.44 12.99
CA GLY A 30 1.39 -22.74 13.55
C GLY A 30 0.21 -22.67 12.59
N HIS A 31 -0.88 -22.05 13.05
CA HIS A 31 -2.08 -21.87 12.22
C HIS A 31 -2.17 -20.43 11.70
N ILE A 32 -1.50 -20.18 10.59
CA ILE A 32 -1.42 -18.84 10.03
C ILE A 32 -2.24 -18.81 8.77
N PHE A 33 -2.89 -17.69 8.52
CA PHE A 33 -3.68 -17.52 7.31
C PHE A 33 -2.78 -17.41 6.09
N VAL A 34 -3.20 -17.97 4.97
CA VAL A 34 -2.55 -17.64 3.72
C VAL A 34 -3.04 -16.23 3.45
N ILE A 35 -2.11 -15.30 3.27
CA ILE A 35 -2.46 -13.88 3.17
C ILE A 35 -1.79 -13.13 2.03
N ARG A 36 -2.21 -11.88 1.86
CA ARG A 36 -1.69 -11.01 0.83
C ARG A 36 -2.17 -9.61 1.17
N GLU A 37 -1.51 -8.59 0.63
CA GLU A 37 -1.86 -7.20 0.88
C GLU A 37 -1.80 -6.79 2.36
N PRO A 38 -0.72 -7.21 3.05
CA PRO A 38 -0.61 -6.94 4.48
C PRO A 38 -0.23 -5.51 4.80
N PHE A 39 -1.19 -4.59 4.80
CA PHE A 39 -0.86 -3.19 5.07
C PHE A 39 -0.96 -2.81 6.55
N VAL A 40 -0.40 -1.65 6.88
CA VAL A 40 -0.34 -1.18 8.27
C VAL A 40 -1.13 0.12 8.41
N SER A 41 -1.67 0.38 9.59
CA SER A 41 -2.39 1.62 9.79
C SER A 41 -2.66 1.87 11.26
N CYS A 42 -2.47 3.10 11.71
CA CYS A 42 -2.48 3.35 13.15
C CYS A 42 -3.66 4.17 13.65
N SER A 43 -3.99 3.98 14.92
CA SER A 43 -5.01 4.78 15.58
C SER A 43 -4.32 5.55 16.71
N PRO A 44 -5.07 6.41 17.39
CA PRO A 44 -4.46 7.15 18.49
C PRO A 44 -3.79 6.24 19.52
N ILE A 45 -4.03 4.94 19.42
CA ILE A 45 -3.59 3.99 20.45
C ILE A 45 -2.78 2.77 19.98
N GLU A 46 -3.09 2.25 18.79
CA GLU A 46 -2.37 1.07 18.31
C GLU A 46 -2.10 1.12 16.82
N CYS A 47 -1.04 0.43 16.39
CA CYS A 47 -0.81 0.18 14.98
C CYS A 47 -1.23 -1.24 14.63
N ARG A 48 -1.94 -1.41 13.50
CA ARG A 48 -2.44 -2.72 13.11
C ARG A 48 -2.00 -3.14 11.71
N THR A 49 -1.78 -4.45 11.54
CA THR A 49 -1.58 -5.04 10.23
C THR A 49 -2.90 -5.55 9.71
N PHE A 50 -3.33 -5.00 8.58
CA PHE A 50 -4.55 -5.48 7.93
C PHE A 50 -4.12 -6.43 6.85
N PHE A 51 -4.96 -7.39 6.51
CA PHE A 51 -4.60 -8.33 5.47
C PHE A 51 -5.81 -8.92 4.79
N LEU A 52 -5.53 -9.58 3.68
CA LEU A 52 -6.50 -10.35 2.92
C LEU A 52 -6.13 -11.82 2.91
N THR A 53 -7.01 -12.63 3.46
CA THR A 53 -6.83 -14.07 3.52
C THR A 53 -7.46 -14.71 2.31
N GLN A 54 -7.03 -15.93 2.01
CA GLN A 54 -7.68 -16.73 1.02
C GLN A 54 -8.64 -17.65 1.75
N GLY A 55 -9.06 -17.28 2.96
CA GLY A 55 -9.98 -18.16 3.64
C GLY A 55 -9.34 -19.47 4.05
N SER A 56 -8.02 -19.53 4.07
CA SER A 56 -7.33 -20.77 4.35
C SER A 56 -6.12 -20.53 5.23
N LEU A 57 -5.41 -21.61 5.54
CA LEU A 57 -4.23 -21.51 6.36
C LEU A 57 -3.05 -22.13 5.64
N LEU A 58 -1.86 -21.61 5.92
CA LEU A 58 -0.66 -22.17 5.32
C LEU A 58 -0.58 -23.65 5.60
N ASN A 59 0.12 -24.38 4.73
CA ASN A 59 0.35 -25.82 4.87
C ASN A 59 -0.94 -26.65 5.01
N ASP A 60 -2.02 -26.14 4.44
CA ASP A 60 -3.27 -26.89 4.35
C ASP A 60 -3.67 -26.97 2.88
N LYS A 61 -4.54 -27.91 2.54
CA LYS A 61 -4.88 -28.13 1.14
C LYS A 61 -5.68 -26.97 0.59
N HIS A 62 -6.33 -26.22 1.47
CA HIS A 62 -7.18 -25.11 1.05
C HIS A 62 -6.38 -23.89 0.56
N SER A 63 -5.09 -23.85 0.89
CA SER A 63 -4.20 -22.82 0.41
C SER A 63 -3.79 -23.11 -1.03
N ASN A 64 -4.32 -24.21 -1.58
CA ASN A 64 -4.02 -24.60 -2.94
C ASN A 64 -4.67 -23.65 -3.94
N GLY A 65 -3.86 -23.05 -4.80
CA GLY A 65 -4.37 -22.14 -5.81
C GLY A 65 -4.64 -20.73 -5.29
N THR A 66 -4.03 -20.40 -4.15
CA THR A 66 -4.17 -19.07 -3.57
C THR A 66 -3.36 -18.00 -4.33
N VAL A 67 -3.15 -18.24 -5.63
CA VAL A 67 -2.63 -17.21 -6.50
C VAL A 67 -3.81 -16.33 -6.89
N LYS A 68 -4.92 -16.98 -7.26
CA LYS A 68 -6.13 -16.27 -7.66
C LYS A 68 -6.35 -15.07 -6.75
N ASP A 69 -6.57 -13.90 -7.37
CA ASP A 69 -6.60 -12.64 -6.65
C ASP A 69 -7.98 -12.30 -6.07
N ARG A 70 -9.04 -12.89 -6.63
CA ARG A 70 -10.40 -12.54 -6.23
C ARG A 70 -11.31 -13.74 -5.98
N SER A 71 -11.54 -14.07 -4.71
CA SER A 71 -12.43 -15.16 -4.33
C SER A 71 -13.48 -14.71 -3.32
N PRO A 72 -14.60 -15.44 -3.25
CA PRO A 72 -15.66 -15.18 -2.26
C PRO A 72 -15.29 -15.58 -0.82
N PHE A 73 -14.16 -16.28 -0.67
CA PHE A 73 -13.67 -16.67 0.64
C PHE A 73 -12.74 -15.61 1.20
N ARG A 74 -12.38 -14.65 0.35
CA ARG A 74 -11.43 -13.60 0.70
C ARG A 74 -12.00 -12.67 1.77
N THR A 75 -11.22 -12.45 2.84
CA THR A 75 -11.65 -11.57 3.92
C THR A 75 -10.52 -10.68 4.41
N LEU A 76 -10.89 -9.44 4.75
CA LEU A 76 -9.98 -8.50 5.36
C LEU A 76 -10.03 -8.68 6.85
N MET A 77 -8.89 -9.03 7.45
CA MET A 77 -8.81 -9.11 8.90
C MET A 77 -7.58 -8.32 9.36
N SER A 78 -7.35 -8.27 10.68
CA SER A 78 -6.26 -7.46 11.19
C SER A 78 -5.67 -8.03 12.46
N VAL A 79 -4.38 -7.73 12.66
CA VAL A 79 -3.69 -8.04 13.90
C VAL A 79 -2.87 -6.81 14.32
N GLU A 80 -2.28 -6.84 15.51
CA GLU A 80 -1.41 -5.74 15.93
C GLU A 80 -0.11 -5.85 15.15
N VAL A 81 0.46 -4.71 14.76
CA VAL A 81 1.65 -4.74 13.92
C VAL A 81 2.71 -5.63 14.55
N GLY A 82 3.51 -6.27 13.70
CA GLY A 82 4.55 -7.17 14.17
C GLY A 82 4.07 -8.57 14.44
N GLN A 83 2.79 -8.68 14.80
CA GLN A 83 2.18 -9.98 15.02
C GLN A 83 1.83 -10.62 13.69
N SER A 84 2.07 -11.92 13.58
CA SER A 84 1.77 -12.62 12.34
C SER A 84 0.25 -12.70 12.12
N PRO A 85 -0.17 -12.86 10.87
CA PRO A 85 -1.60 -12.97 10.56
C PRO A 85 -2.11 -14.34 10.95
N ASN A 86 -2.19 -14.59 12.25
CA ASN A 86 -2.61 -15.90 12.73
C ASN A 86 -4.08 -15.88 13.14
N VAL A 87 -4.69 -17.05 13.16
CA VAL A 87 -6.13 -17.16 13.43
C VAL A 87 -6.58 -16.50 14.74
N TYR A 88 -5.91 -16.84 15.84
CA TYR A 88 -6.42 -16.61 17.18
C TYR A 88 -6.24 -15.19 17.70
N GLN A 89 -5.50 -14.38 16.94
CA GLN A 89 -5.29 -12.99 17.29
C GLN A 89 -5.99 -12.03 16.33
N ALA A 90 -6.52 -12.58 15.25
CA ALA A 90 -7.08 -11.76 14.18
C ALA A 90 -8.51 -11.32 14.45
N ARG A 91 -8.76 -10.04 14.20
CA ARG A 91 -10.13 -9.55 14.17
C ARG A 91 -10.66 -9.58 12.74
N PHE A 92 -11.88 -10.05 12.56
CA PHE A 92 -12.50 -9.91 11.25
C PHE A 92 -12.89 -8.46 11.03
N GLU A 93 -12.48 -7.93 9.89
CA GLU A 93 -12.80 -6.55 9.53
C GLU A 93 -13.94 -6.52 8.51
N ALA A 94 -13.74 -7.18 7.38
CA ALA A 94 -14.77 -7.27 6.37
C ALA A 94 -14.48 -8.38 5.35
N VAL A 95 -15.47 -8.73 4.55
CA VAL A 95 -15.19 -9.60 3.41
C VAL A 95 -14.58 -8.70 2.35
N ALA A 96 -13.51 -9.17 1.69
CA ALA A 96 -12.85 -8.32 0.70
C ALA A 96 -11.79 -9.05 -0.13
N TRP A 97 -11.75 -8.75 -1.42
CA TRP A 97 -10.62 -9.12 -2.27
C TRP A 97 -9.83 -7.89 -2.71
N SER A 98 -10.18 -6.75 -2.11
CA SER A 98 -9.49 -5.47 -2.29
C SER A 98 -9.98 -4.58 -1.14
N ALA A 99 -9.10 -3.75 -0.58
CA ALA A 99 -9.48 -3.03 0.63
C ALA A 99 -8.59 -1.87 1.04
N THR A 100 -9.03 -1.16 2.08
CA THR A 100 -8.27 -0.09 2.72
C THR A 100 -8.87 0.11 4.12
N ALA A 101 -8.09 0.61 5.06
CA ALA A 101 -8.58 0.81 6.41
C ALA A 101 -7.79 1.89 7.14
N CYS A 102 -8.47 2.65 7.99
CA CYS A 102 -7.85 3.74 8.74
C CYS A 102 -8.68 4.11 9.96
N HIS A 103 -8.19 5.05 10.76
CA HIS A 103 -8.84 5.40 12.02
C HIS A 103 -9.00 6.92 12.18
N ASP A 104 -10.22 7.37 12.45
CA ASP A 104 -10.52 8.80 12.53
C ASP A 104 -10.21 9.41 13.90
N GLY A 105 -9.57 8.63 14.76
CA GLY A 105 -9.25 9.07 16.10
C GLY A 105 -10.27 8.56 17.09
N LYS A 106 -11.36 8.02 16.56
CA LYS A 106 -12.46 7.52 17.37
C LYS A 106 -12.71 6.05 17.06
N LYS A 107 -12.86 5.74 15.78
CA LYS A 107 -13.08 4.35 15.35
C LYS A 107 -12.34 4.01 14.07
N TRP A 108 -12.29 2.71 13.76
CA TRP A 108 -11.70 2.21 12.54
C TRP A 108 -12.74 2.19 11.44
N MET A 109 -12.46 2.87 10.35
CA MET A 109 -13.24 2.65 9.14
C MET A 109 -12.45 1.61 8.33
N THR A 110 -13.14 0.63 7.77
CA THR A 110 -12.49 -0.28 6.85
C THR A 110 -13.37 -0.36 5.62
N VAL A 111 -12.78 -0.61 4.47
CA VAL A 111 -13.56 -0.76 3.26
C VAL A 111 -13.21 -2.07 2.60
N GLY A 112 -14.19 -2.96 2.52
CA GLY A 112 -13.98 -4.26 1.91
C GLY A 112 -14.79 -4.31 0.65
N VAL A 113 -14.12 -4.59 -0.47
CA VAL A 113 -14.79 -4.67 -1.76
C VAL A 113 -14.85 -6.13 -2.15
N THR A 114 -16.05 -6.62 -2.44
CA THR A 114 -16.20 -8.00 -2.82
C THR A 114 -17.23 -8.08 -3.92
N GLY A 115 -17.59 -9.29 -4.33
CA GLY A 115 -18.62 -9.49 -5.34
C GLY A 115 -18.09 -9.96 -6.69
N PRO A 116 -19.00 -10.04 -7.67
CA PRO A 116 -18.63 -10.48 -9.02
C PRO A 116 -17.86 -9.38 -9.71
N ASP A 117 -16.92 -9.77 -10.57
CA ASP A 117 -16.08 -8.80 -11.28
C ASP A 117 -16.90 -7.69 -11.94
N SER A 118 -18.12 -8.02 -12.34
CA SER A 118 -18.94 -7.11 -13.15
C SER A 118 -19.52 -5.95 -12.34
N LYS A 119 -20.10 -6.28 -11.19
CA LYS A 119 -20.60 -5.26 -10.29
C LYS A 119 -20.13 -5.62 -8.90
N ALA A 120 -18.97 -5.11 -8.51
CA ALA A 120 -18.47 -5.34 -7.17
C ALA A 120 -19.02 -4.24 -6.28
N VAL A 121 -19.35 -4.57 -5.04
CA VAL A 121 -19.80 -3.59 -4.05
C VAL A 121 -18.75 -3.32 -3.00
N ALA A 122 -18.55 -2.06 -2.63
CA ALA A 122 -17.58 -1.71 -1.59
C ALA A 122 -18.29 -1.45 -0.26
N VAL A 123 -17.97 -2.24 0.74
CA VAL A 123 -18.66 -2.18 2.03
C VAL A 123 -17.86 -1.44 3.07
N ILE A 124 -18.21 -0.17 3.27
CA ILE A 124 -17.68 0.65 4.35
C ILE A 124 -18.09 0.08 5.69
N HIS A 125 -17.09 -0.23 6.52
CA HIS A 125 -17.33 -0.53 7.92
C HIS A 125 -16.79 0.62 8.75
N TYR A 126 -17.61 1.14 9.64
CA TYR A 126 -17.10 2.09 10.62
C TYR A 126 -17.33 1.44 11.98
N GLY A 127 -16.27 1.29 12.75
CA GLY A 127 -16.37 0.63 14.04
C GLY A 127 -16.91 -0.78 13.93
N GLY A 128 -16.52 -1.50 12.89
CA GLY A 128 -16.86 -2.91 12.77
C GLY A 128 -18.05 -3.25 11.89
N VAL A 129 -19.14 -2.50 12.03
CA VAL A 129 -20.37 -2.80 11.31
C VAL A 129 -20.45 -2.08 9.97
N PRO A 130 -21.07 -2.73 8.97
CA PRO A 130 -21.28 -2.09 7.68
C PRO A 130 -22.14 -0.84 7.83
N THR A 131 -21.66 0.31 7.35
CA THR A 131 -22.36 1.58 7.51
C THR A 131 -22.72 2.28 6.20
N ASP A 132 -22.07 1.85 5.11
CA ASP A 132 -22.28 2.44 3.79
C ASP A 132 -21.78 1.53 2.67
N VAL A 133 -22.35 1.71 1.48
CA VAL A 133 -22.09 0.81 0.34
C VAL A 133 -21.92 1.51 -1.01
N VAL A 134 -20.82 1.15 -1.67
CA VAL A 134 -20.43 1.74 -2.94
C VAL A 134 -20.36 0.68 -4.03
N ASN A 135 -21.30 0.76 -4.96
CA ASN A 135 -21.37 -0.13 -6.11
C ASN A 135 -20.32 0.24 -7.16
N SER A 136 -19.95 -0.74 -7.98
CA SER A 136 -19.09 -0.48 -9.14
C SER A 136 -19.81 0.44 -10.13
N TRP A 137 -19.27 1.65 -10.27
CA TRP A 137 -19.84 2.65 -11.16
C TRP A 137 -19.61 2.27 -12.61
N ALA A 138 -18.52 1.54 -12.87
CA ALA A 138 -18.11 1.20 -14.24
C ALA A 138 -18.02 -0.30 -14.55
N GLY A 139 -18.55 -1.13 -13.65
CA GLY A 139 -18.69 -2.56 -13.88
C GLY A 139 -17.46 -3.35 -14.28
N ASP A 140 -16.29 -2.87 -13.89
CA ASP A 140 -15.05 -3.57 -14.17
C ASP A 140 -14.17 -3.57 -12.94
N ILE A 141 -14.41 -4.51 -12.03
CA ILE A 141 -13.57 -4.70 -10.85
C ILE A 141 -13.32 -3.49 -9.93
N LEU A 142 -14.39 -2.91 -9.40
CA LEU A 142 -14.24 -1.90 -8.37
C LEU A 142 -13.14 -2.36 -7.43
N ARG A 143 -12.20 -1.46 -7.12
CA ARG A 143 -11.09 -1.81 -6.24
C ARG A 143 -10.57 -0.59 -5.48
N THR A 144 -9.61 -0.82 -4.60
CA THR A 144 -9.06 0.23 -3.73
C THR A 144 -7.55 0.10 -3.43
N GLN A 145 -7.06 0.97 -2.56
CA GLN A 145 -5.64 1.09 -2.25
C GLN A 145 -4.85 -0.21 -2.05
N GLU A 146 -5.33 -1.09 -1.17
CA GLU A 146 -4.52 -2.14 -0.59
C GLU A 146 -3.48 -1.51 0.32
N SER A 147 -3.83 -0.34 0.87
CA SER A 147 -3.03 0.30 1.91
C SER A 147 -3.89 1.28 2.71
N SER A 148 -3.26 1.87 3.72
CA SER A 148 -3.97 2.78 4.62
C SER A 148 -4.67 3.89 3.85
N CYS A 149 -5.85 4.26 4.34
CA CYS A 149 -6.58 5.44 3.88
C CYS A 149 -6.37 6.54 4.92
N THR A 150 -6.62 7.79 4.54
CA THR A 150 -6.25 8.93 5.38
C THR A 150 -7.44 9.57 6.09
N CYS A 151 -7.19 10.06 7.29
CA CYS A 151 -8.24 10.73 8.04
C CYS A 151 -7.70 12.03 8.63
N ILE A 152 -8.11 13.14 8.02
CA ILE A 152 -7.66 14.44 8.45
C ILE A 152 -8.75 15.16 9.22
N GLN A 153 -8.55 15.30 10.52
CA GLN A 153 -9.57 15.89 11.38
C GLN A 153 -10.92 15.23 11.23
N GLY A 154 -10.96 13.92 11.46
CA GLY A 154 -12.22 13.21 11.56
C GLY A 154 -12.84 12.72 10.26
N ASP A 155 -12.38 13.25 9.14
CA ASP A 155 -12.91 12.86 7.84
C ASP A 155 -11.89 12.00 7.10
N CYS A 156 -12.35 10.92 6.49
CA CYS A 156 -11.44 9.98 5.87
C CYS A 156 -11.60 9.94 4.35
N TYR A 157 -10.48 9.78 3.64
CA TYR A 157 -10.45 9.81 2.18
C TYR A 157 -9.73 8.59 1.59
N TRP A 158 -10.01 8.26 0.32
CA TRP A 158 -9.31 7.16 -0.35
C TRP A 158 -9.60 7.09 -1.86
N VAL A 159 -8.78 6.33 -2.58
CA VAL A 159 -8.89 6.29 -4.04
C VAL A 159 -9.32 4.93 -4.58
N MET A 160 -10.39 4.92 -5.36
CA MET A 160 -10.85 3.70 -6.02
C MET A 160 -10.66 3.73 -7.54
N THR A 161 -10.47 2.55 -8.11
CA THR A 161 -10.30 2.37 -9.54
C THR A 161 -11.42 1.46 -10.04
N ASP A 162 -11.86 1.69 -11.27
CA ASP A 162 -12.81 0.80 -11.93
C ASP A 162 -12.57 0.93 -13.42
N GLY A 163 -12.83 -0.15 -14.17
CA GLY A 163 -12.44 -0.21 -15.56
C GLY A 163 -11.29 -1.19 -15.68
N PRO A 164 -10.77 -1.39 -16.90
CA PRO A 164 -9.72 -2.39 -17.10
C PRO A 164 -8.43 -2.05 -16.35
N ALA A 165 -7.45 -2.95 -16.43
CA ALA A 165 -6.19 -2.77 -15.71
C ALA A 165 -5.01 -2.65 -16.66
N ASN A 166 -5.25 -2.84 -17.95
CA ASN A 166 -4.19 -2.74 -18.96
C ASN A 166 -4.37 -1.59 -19.97
N ARG A 167 -5.12 -0.57 -19.56
CA ARG A 167 -5.37 0.60 -20.40
C ARG A 167 -6.19 1.61 -19.58
N GLN A 168 -6.70 2.65 -20.24
CA GLN A 168 -7.54 3.62 -19.55
C GLN A 168 -8.57 3.00 -18.61
N ALA A 169 -8.76 3.61 -17.45
CA ALA A 169 -9.78 3.20 -16.50
C ALA A 169 -10.27 4.46 -15.82
N GLN A 170 -11.13 4.34 -14.82
CA GLN A 170 -11.59 5.52 -14.10
C GLN A 170 -11.19 5.55 -12.63
N TYR A 171 -11.05 6.76 -12.08
CA TYR A 171 -10.44 6.92 -10.78
C TYR A 171 -11.19 7.95 -9.96
N ARG A 172 -11.76 7.53 -8.84
CA ARG A 172 -12.52 8.45 -8.01
C ARG A 172 -11.90 8.59 -6.64
N ILE A 173 -12.16 9.73 -6.01
CA ILE A 173 -11.89 9.89 -4.60
C ILE A 173 -13.21 9.68 -3.85
N TYR A 174 -13.13 9.33 -2.57
CA TYR A 174 -14.32 9.21 -1.74
C TYR A 174 -14.06 9.81 -0.37
N LYS A 175 -15.10 10.34 0.26
CA LYS A 175 -14.96 11.00 1.55
C LYS A 175 -16.07 10.53 2.47
N ALA A 176 -15.75 10.40 3.76
CA ALA A 176 -16.73 9.89 4.71
C ALA A 176 -16.56 10.48 6.10
N ASN A 177 -17.67 10.56 6.82
CA ASN A 177 -17.67 10.91 8.23
C ASN A 177 -18.32 9.77 8.98
N GLN A 178 -17.60 9.19 9.94
CA GLN A 178 -18.13 8.06 10.69
C GLN A 178 -18.79 7.04 9.76
N GLY A 179 -18.10 6.67 8.69
CA GLY A 179 -18.54 5.60 7.81
C GLY A 179 -19.63 6.05 6.85
N ARG A 180 -19.92 7.34 6.86
CA ARG A 180 -20.91 7.90 5.96
C ARG A 180 -20.26 8.53 4.75
N ILE A 181 -20.64 8.07 3.56
CA ILE A 181 -20.19 8.66 2.32
C ILE A 181 -20.87 10.01 2.13
N ILE A 182 -20.12 11.07 2.38
CA ILE A 182 -20.66 12.43 2.28
C ILE A 182 -19.95 13.19 1.18
N GLY A 183 -19.26 12.49 0.30
CA GLY A 183 -18.52 13.17 -0.74
C GLY A 183 -17.71 12.26 -1.64
N GLN A 184 -17.68 12.60 -2.92
CA GLN A 184 -16.90 11.86 -3.90
C GLN A 184 -16.44 12.82 -4.98
N THR A 185 -15.42 12.42 -5.74
CA THR A 185 -14.97 13.23 -6.86
C THR A 185 -14.22 12.41 -7.90
N ASP A 186 -14.53 12.74 -9.15
CA ASP A 186 -13.91 12.14 -10.32
C ASP A 186 -12.54 12.71 -10.61
N ILE A 187 -11.60 11.78 -10.78
CA ILE A 187 -10.23 12.07 -11.17
C ILE A 187 -10.07 11.82 -12.65
N SER A 188 -9.84 12.92 -13.34
CA SER A 188 -9.71 12.98 -14.77
C SER A 188 -8.23 12.91 -15.05
N PHE A 189 -7.83 11.79 -15.57
CA PHE A 189 -6.47 11.64 -16.05
C PHE A 189 -6.60 10.81 -17.30
N ASN A 190 -6.77 11.45 -18.46
CA ASN A 190 -6.96 10.72 -19.69
C ASN A 190 -5.53 10.45 -20.16
N GLY A 191 -5.22 9.19 -20.44
CA GLY A 191 -3.87 8.81 -20.83
C GLY A 191 -3.07 8.43 -19.60
N GLY A 192 -3.75 8.48 -18.46
CA GLY A 192 -3.15 8.10 -17.20
C GLY A 192 -3.75 6.80 -16.70
N HIS A 193 -3.18 6.27 -15.62
CA HIS A 193 -3.70 5.08 -14.97
C HIS A 193 -3.27 5.01 -13.51
N ILE A 194 -4.26 5.12 -12.63
CA ILE A 194 -4.04 5.22 -11.19
C ILE A 194 -4.53 3.98 -10.42
N GLU A 195 -3.58 3.15 -10.00
CA GLU A 195 -3.89 1.94 -9.21
C GLU A 195 -3.34 2.04 -7.80
N GLU A 196 -4.09 1.49 -6.85
CA GLU A 196 -3.56 1.23 -5.52
C GLU A 196 -2.65 2.35 -5.00
N CYS A 197 -3.26 3.46 -4.61
CA CYS A 197 -2.50 4.59 -4.08
C CYS A 197 -1.94 4.31 -2.69
N SER A 198 -0.76 4.87 -2.43
CA SER A 198 -0.19 4.87 -1.10
C SER A 198 -0.23 6.29 -0.58
N CYS A 199 -1.19 6.55 0.32
CA CYS A 199 -1.46 7.91 0.79
C CYS A 199 -0.90 8.20 2.18
N TYR A 200 -0.82 9.48 2.50
CA TYR A 200 -0.43 9.93 3.84
C TYR A 200 -0.88 11.38 3.98
N PRO A 201 -1.05 11.85 5.21
CA PRO A 201 -1.42 13.25 5.44
C PRO A 201 -0.20 14.17 5.50
N ASN A 202 -0.13 15.15 4.61
CA ASN A 202 0.97 16.11 4.63
C ASN A 202 0.49 17.54 4.47
N ASP A 203 0.94 18.43 5.37
CA ASP A 203 0.61 19.84 5.28
C ASP A 203 -0.90 20.09 5.23
N GLY A 204 -1.67 19.12 5.72
CA GLY A 204 -3.12 19.25 5.74
C GLY A 204 -3.78 18.52 4.59
N LYS A 205 -3.01 18.30 3.53
CA LYS A 205 -3.53 17.63 2.35
C LYS A 205 -3.04 16.20 2.30
N VAL A 206 -3.89 15.30 1.82
CA VAL A 206 -3.47 13.91 1.64
C VAL A 206 -2.78 13.71 0.29
N GLU A 207 -1.49 13.37 0.32
CA GLU A 207 -0.72 13.13 -0.89
C GLU A 207 -0.66 11.65 -1.22
N CYS A 208 -0.76 11.29 -2.50
CA CYS A 208 -0.73 9.88 -2.88
C CYS A 208 0.33 9.59 -3.94
N VAL A 209 0.95 8.42 -3.83
CA VAL A 209 1.83 7.92 -4.87
C VAL A 209 1.19 6.61 -5.29
N CYS A 210 0.95 6.42 -6.59
CA CYS A 210 0.16 5.29 -7.08
C CYS A 210 0.83 4.47 -8.18
N ARG A 211 0.08 3.54 -8.76
CA ARG A 211 0.59 2.60 -9.77
C ARG A 211 0.00 2.72 -11.17
N ASP A 212 0.81 3.18 -12.12
CA ASP A 212 0.39 3.21 -13.51
C ASP A 212 0.59 1.77 -14.02
N ASN A 213 -0.49 1.08 -14.31
CA ASN A 213 -0.40 -0.32 -14.74
C ASN A 213 -0.58 -0.42 -16.25
N TRP A 214 -0.61 0.74 -16.88
CA TRP A 214 -0.81 0.84 -18.32
C TRP A 214 0.51 1.03 -19.02
N THR A 215 1.07 2.24 -18.92
CA THR A 215 2.30 2.54 -19.64
C THR A 215 3.38 3.15 -18.76
N GLY A 216 3.01 3.65 -17.59
CA GLY A 216 3.96 4.32 -16.73
C GLY A 216 4.90 3.45 -15.91
N THR A 217 6.19 3.74 -16.00
CA THR A 217 7.15 3.14 -15.07
C THR A 217 7.36 4.16 -13.96
N ASN A 218 6.98 5.39 -14.22
CA ASN A 218 6.89 6.41 -13.18
C ASN A 218 5.49 6.40 -12.54
N ARG A 219 5.36 6.94 -11.34
CA ARG A 219 4.14 6.75 -10.55
C ARG A 219 3.15 7.91 -10.60
N PRO A 220 1.88 7.61 -10.87
CA PRO A 220 0.88 8.66 -10.71
C PRO A 220 1.04 9.30 -9.33
N VAL A 221 0.61 10.55 -9.21
CA VAL A 221 0.71 11.30 -7.96
C VAL A 221 -0.57 12.10 -7.85
N LEU A 222 -1.02 12.34 -6.62
CA LEU A 222 -2.18 13.21 -6.46
C LEU A 222 -2.36 13.75 -5.05
N VAL A 223 -2.67 15.04 -4.99
CA VAL A 223 -2.82 15.75 -3.75
C VAL A 223 -4.26 16.18 -3.59
N ILE A 224 -4.81 15.96 -2.41
CA ILE A 224 -6.24 16.15 -2.20
C ILE A 224 -6.53 17.07 -1.02
N SER A 225 -7.24 18.14 -1.31
CA SER A 225 -7.76 19.01 -0.25
C SER A 225 -9.05 18.39 0.27
N PRO A 226 -9.49 18.84 1.44
CA PRO A 226 -10.70 18.31 2.06
C PRO A 226 -11.98 18.70 1.31
N ASP A 227 -11.85 19.51 0.26
CA ASP A 227 -13.02 19.89 -0.54
C ASP A 227 -13.02 19.09 -1.84
N LEU A 228 -12.06 18.19 -1.98
CA LEU A 228 -12.03 17.32 -3.14
C LEU A 228 -11.47 17.97 -4.41
N SER A 229 -10.83 19.12 -4.29
CA SER A 229 -10.09 19.70 -5.40
C SER A 229 -8.75 18.99 -5.37
N TYR A 230 -8.26 18.58 -6.54
CA TYR A 230 -7.07 17.76 -6.57
C TYR A 230 -6.10 18.20 -7.66
N ARG A 231 -4.83 17.91 -7.44
CA ARG A 231 -3.87 17.96 -8.52
C ARG A 231 -3.44 16.51 -8.74
N VAL A 232 -3.48 16.05 -9.98
CA VAL A 232 -3.04 14.69 -10.28
C VAL A 232 -2.03 14.75 -11.40
N GLY A 233 -1.02 13.89 -11.35
CA GLY A 233 0.04 13.89 -12.34
C GLY A 233 0.99 12.74 -12.11
N TYR A 234 2.29 13.02 -12.15
CA TYR A 234 3.30 12.00 -11.88
C TYR A 234 4.45 12.52 -11.03
N LEU A 235 5.12 11.61 -10.33
CA LEU A 235 6.23 12.00 -9.48
C LEU A 235 7.34 12.59 -10.36
N CYS A 236 7.63 13.87 -10.14
CA CYS A 236 8.51 14.65 -11.02
C CYS A 236 9.86 13.98 -11.25
N ALA A 237 10.40 13.37 -10.20
CA ALA A 237 11.73 12.75 -10.25
C ALA A 237 11.91 11.89 -11.49
N GLY A 238 13.07 12.01 -12.12
CA GLY A 238 13.39 11.25 -13.31
C GLY A 238 13.93 9.87 -13.00
N ILE A 239 13.49 9.31 -11.88
CA ILE A 239 13.88 7.95 -11.48
C ILE A 239 12.66 7.05 -11.39
N PRO A 240 12.52 6.12 -12.34
CA PRO A 240 11.35 5.23 -12.36
C PRO A 240 11.33 4.32 -11.13
N SER A 241 10.29 4.43 -10.30
CA SER A 241 10.23 3.61 -9.10
C SER A 241 9.25 2.45 -9.23
N ASP A 242 8.84 2.12 -10.46
CA ASP A 242 7.91 1.00 -10.69
C ASP A 242 8.64 -0.29 -11.10
N THR A 243 7.89 -1.37 -11.29
CA THR A 243 8.45 -2.65 -11.70
C THR A 243 7.42 -3.43 -12.53
N PRO A 244 7.79 -3.84 -13.76
CA PRO A 244 9.08 -3.61 -14.41
C PRO A 244 9.31 -2.15 -14.82
N ARG A 245 10.58 -1.81 -15.02
CA ARG A 245 10.98 -0.46 -15.37
C ARG A 245 12.24 -0.54 -16.20
N GLY A 246 12.64 0.60 -16.76
CA GLY A 246 13.89 0.68 -17.50
C GLY A 246 15.02 1.03 -16.57
N GLU A 247 16.18 1.37 -17.14
CA GLU A 247 17.34 1.70 -16.31
C GLU A 247 17.30 3.17 -15.91
N ASP A 248 18.00 3.52 -14.84
CA ASP A 248 18.01 4.91 -14.37
C ASP A 248 18.75 5.78 -15.38
N THR A 249 19.72 5.19 -16.06
CA THR A 249 20.50 5.89 -17.07
C THR A 249 19.62 6.38 -18.21
N GLN A 250 18.88 5.44 -18.81
CA GLN A 250 17.94 5.78 -19.88
C GLN A 250 16.51 5.93 -19.33
N PHE A 251 16.14 7.15 -18.92
CA PHE A 251 14.77 7.49 -18.52
C PHE A 251 14.58 9.01 -18.36
N THR A 252 13.48 9.53 -18.90
CA THR A 252 13.13 10.95 -18.74
C THR A 252 11.90 11.13 -17.86
N GLY A 253 12.03 11.94 -16.81
CA GLY A 253 10.95 12.13 -15.85
C GLY A 253 9.93 13.19 -16.22
N SER A 254 8.71 13.02 -15.72
CA SER A 254 7.65 13.99 -15.98
C SER A 254 6.75 14.21 -14.78
N CYS A 255 6.24 15.41 -14.60
CA CYS A 255 5.30 15.67 -13.54
C CYS A 255 3.90 15.60 -14.13
N THR A 256 3.82 15.33 -15.42
CA THR A 256 2.55 15.41 -16.11
C THR A 256 2.19 14.15 -16.86
N SER A 257 3.18 13.44 -17.39
CA SER A 257 2.91 12.34 -18.30
C SER A 257 3.58 11.05 -17.89
N PRO A 258 3.00 9.91 -18.30
CA PRO A 258 3.62 8.61 -18.06
C PRO A 258 4.81 8.42 -18.96
N MET A 259 5.88 7.84 -18.43
CA MET A 259 7.10 7.63 -19.19
C MET A 259 7.51 6.16 -19.19
N GLY A 260 8.30 5.78 -20.19
CA GLY A 260 8.63 4.38 -20.41
C GLY A 260 7.67 3.74 -21.40
N ASN A 261 8.00 2.53 -21.83
CA ASN A 261 7.12 1.77 -22.72
C ASN A 261 6.81 0.43 -22.09
N GLN A 262 6.57 0.45 -20.79
CA GLN A 262 6.36 -0.78 -20.04
C GLN A 262 4.94 -0.89 -19.51
N GLY A 263 4.32 -2.03 -19.78
CA GLY A 263 3.06 -2.37 -19.14
C GLY A 263 3.33 -3.00 -17.78
N TYR A 264 2.27 -3.36 -17.07
CA TYR A 264 2.39 -3.96 -15.75
C TYR A 264 2.76 -2.94 -14.68
N GLY A 265 3.10 -3.43 -13.50
CA GLY A 265 3.49 -2.59 -12.38
C GLY A 265 3.39 -3.32 -11.06
N VAL A 266 3.46 -2.55 -9.97
CA VAL A 266 3.35 -3.07 -8.63
C VAL A 266 3.16 -1.91 -7.66
N LYS A 267 2.43 -2.16 -6.58
CA LYS A 267 2.17 -1.11 -5.59
C LYS A 267 3.48 -0.54 -5.06
N GLY A 268 3.47 0.74 -4.70
CA GLY A 268 4.66 1.44 -4.27
C GLY A 268 4.33 2.70 -3.48
N PHE A 269 5.34 3.41 -3.00
CA PHE A 269 5.11 4.57 -2.13
C PHE A 269 6.14 5.67 -2.33
N GLY A 270 5.77 6.88 -1.91
CA GLY A 270 6.68 8.02 -1.92
C GLY A 270 6.33 8.96 -0.77
N PHE A 271 7.31 9.70 -0.28
CA PHE A 271 7.05 10.73 0.71
C PHE A 271 7.67 12.07 0.31
N ARG A 272 6.83 13.10 0.20
CA ARG A 272 7.35 14.44 -0.04
C ARG A 272 8.17 14.80 1.18
N GLN A 273 9.15 15.68 1.03
CA GLN A 273 9.96 16.09 2.18
C GLN A 273 10.27 17.58 2.10
N GLY A 274 9.25 18.37 1.78
CA GLY A 274 9.43 19.76 1.43
C GLY A 274 9.49 19.85 -0.07
N THR A 275 10.70 19.76 -0.63
CA THR A 275 10.87 19.61 -2.07
C THR A 275 11.35 18.22 -2.48
N ASP A 276 12.11 17.55 -1.60
CA ASP A 276 12.66 16.24 -1.91
C ASP A 276 11.60 15.14 -1.85
N VAL A 277 11.98 13.91 -2.20
CA VAL A 277 11.11 12.73 -2.06
C VAL A 277 11.85 11.56 -1.44
N TRP A 278 11.15 10.77 -0.65
CA TRP A 278 11.58 9.41 -0.36
C TRP A 278 10.74 8.52 -1.26
N MET A 279 11.39 7.63 -2.00
CA MET A 279 10.64 6.70 -2.83
C MET A 279 11.20 5.30 -2.71
N GLY A 280 10.30 4.33 -2.61
CA GLY A 280 10.70 2.96 -2.49
C GLY A 280 10.59 2.26 -3.82
N ARG A 281 11.17 1.08 -3.91
CA ARG A 281 11.08 0.26 -5.10
C ARG A 281 11.87 -1.01 -4.91
N THR A 282 11.55 -2.02 -5.71
CA THR A 282 12.31 -3.25 -5.71
C THR A 282 13.68 -2.96 -6.29
N ILE A 283 14.67 -3.75 -5.89
CA ILE A 283 16.02 -3.60 -6.43
C ILE A 283 16.00 -4.04 -7.89
N SER A 284 15.60 -5.29 -8.12
CA SER A 284 15.48 -5.79 -9.48
C SER A 284 14.59 -4.82 -10.22
N ARG A 285 14.84 -4.67 -11.51
CA ARG A 285 14.05 -3.75 -12.29
C ARG A 285 13.06 -4.50 -13.17
N THR A 286 13.18 -5.83 -13.18
CA THR A 286 12.23 -6.66 -13.93
C THR A 286 11.45 -7.62 -13.05
N SER A 287 11.99 -7.93 -11.87
CA SER A 287 11.37 -8.91 -10.98
C SER A 287 11.06 -8.29 -9.63
N ARG A 288 10.14 -8.92 -8.90
CA ARG A 288 9.79 -8.44 -7.57
C ARG A 288 10.79 -8.98 -6.56
N SER A 289 12.05 -8.60 -6.73
CA SER A 289 13.09 -9.06 -5.81
C SER A 289 13.78 -7.87 -5.18
N GLY A 290 14.07 -7.97 -3.89
CA GLY A 290 14.81 -6.93 -3.18
C GLY A 290 13.99 -5.69 -2.87
N PHE A 291 14.61 -4.76 -2.15
CA PHE A 291 13.96 -3.50 -1.82
C PHE A 291 14.93 -2.47 -1.25
N GLU A 292 14.60 -1.19 -1.42
CA GLU A 292 15.51 -0.09 -1.12
C GLU A 292 14.74 1.24 -1.21
N ILE A 293 15.12 2.17 -0.34
CA ILE A 293 14.55 3.50 -0.37
C ILE A 293 15.62 4.57 -0.65
N LEU A 294 15.21 5.50 -1.47
CA LEU A 294 16.00 6.55 -2.13
C LEU A 294 15.53 7.95 -1.76
N ARG A 295 16.45 8.87 -1.51
CA ARG A 295 16.03 10.25 -1.30
C ARG A 295 16.52 11.04 -2.48
N ILE A 296 15.61 11.77 -3.13
CA ILE A 296 15.99 12.48 -4.34
C ILE A 296 15.95 13.99 -4.11
N LYS A 297 17.06 14.67 -4.34
CA LYS A 297 17.11 16.11 -4.13
C LYS A 297 16.18 16.84 -5.11
N ASN A 298 15.17 17.48 -4.55
CA ASN A 298 14.16 18.17 -5.33
C ASN A 298 13.40 17.22 -6.24
N GLY A 299 13.37 15.95 -5.89
CA GLY A 299 12.68 14.96 -6.70
C GLY A 299 11.17 15.18 -6.76
N TRP A 300 10.63 15.89 -5.78
CA TRP A 300 9.19 16.09 -5.67
C TRP A 300 8.60 17.09 -6.67
N THR A 301 9.36 18.14 -6.97
CA THR A 301 8.87 19.21 -7.84
C THR A 301 9.68 19.34 -9.12
N GLN A 302 10.63 18.44 -9.34
CA GLN A 302 11.47 18.54 -10.50
C GLN A 302 11.87 17.16 -10.98
N THR A 303 12.43 17.02 -12.19
CA THR A 303 12.80 15.72 -12.83
C THR A 303 14.22 15.08 -12.61
N SER A 304 14.88 15.51 -11.55
CA SER A 304 16.24 15.14 -11.21
C SER A 304 16.30 13.82 -10.47
N LYS A 305 17.50 13.25 -10.46
CA LYS A 305 17.79 12.00 -9.87
C LYS A 305 18.90 12.27 -8.89
N GLU A 306 18.94 13.45 -8.29
CA GLU A 306 19.98 13.59 -7.29
C GLU A 306 19.68 12.65 -6.15
N GLN A 307 20.66 11.82 -5.78
CA GLN A 307 20.45 10.82 -4.76
C GLN A 307 21.20 11.16 -3.49
N ILE A 308 20.54 11.87 -2.60
CA ILE A 308 21.08 12.24 -1.30
C ILE A 308 21.26 11.02 -0.41
N ARG A 309 20.19 10.23 -0.28
CA ARG A 309 20.21 9.04 0.57
C ARG A 309 19.66 7.81 -0.18
N LYS A 310 20.25 6.65 0.10
CA LYS A 310 19.77 5.37 -0.41
C LYS A 310 19.94 4.36 0.72
N GLN A 311 19.02 3.41 0.79
CA GLN A 311 19.05 2.40 1.85
C GLN A 311 18.37 1.12 1.36
N VAL A 312 19.05 -0.02 1.53
CA VAL A 312 18.47 -1.34 1.20
C VAL A 312 17.74 -1.96 2.39
N VAL A 313 16.48 -2.35 2.19
CA VAL A 313 15.69 -2.98 3.25
C VAL A 313 15.67 -4.50 3.07
N VAL A 314 15.63 -4.92 1.80
CA VAL A 314 15.71 -6.34 1.40
C VAL A 314 16.68 -6.48 0.21
N ASP A 315 17.50 -7.52 0.19
CA ASP A 315 18.52 -7.66 -0.84
C ASP A 315 17.97 -8.21 -2.16
N ASN A 316 18.69 -7.97 -3.25
CA ASN A 316 18.26 -8.42 -4.55
C ASN A 316 18.25 -9.94 -4.65
N LEU A 317 18.62 -10.66 -3.59
CA LEU A 317 18.55 -12.10 -3.75
C LEU A 317 17.30 -12.64 -3.09
N ASN A 318 16.39 -11.76 -2.68
CA ASN A 318 15.21 -12.18 -1.94
C ASN A 318 13.93 -11.54 -2.42
N TRP A 319 12.83 -12.29 -2.29
CA TRP A 319 11.53 -11.86 -2.79
C TRP A 319 10.94 -10.69 -2.01
N SER A 320 10.44 -9.71 -2.76
CA SER A 320 9.66 -8.63 -2.17
C SER A 320 8.28 -8.63 -2.81
N GLY A 321 7.73 -7.45 -3.02
CA GLY A 321 6.42 -7.33 -3.60
C GLY A 321 5.86 -5.95 -3.32
N TYR A 322 4.60 -5.90 -2.88
CA TYR A 322 3.99 -4.63 -2.53
C TYR A 322 4.80 -3.89 -1.47
N SER A 323 4.53 -2.59 -1.38
CA SER A 323 5.03 -1.75 -0.31
C SER A 323 3.97 -0.68 -0.20
N GLY A 324 3.95 0.06 0.90
CA GLY A 324 2.87 1.01 1.11
C GLY A 324 3.17 1.94 2.25
N SER A 325 2.40 3.01 2.35
CA SER A 325 2.73 4.08 3.26
C SER A 325 1.68 4.25 4.34
N PHE A 326 2.13 4.69 5.51
CA PHE A 326 1.25 5.12 6.58
C PHE A 326 1.98 6.12 7.46
N THR A 327 1.31 6.67 8.46
CA THR A 327 2.01 7.53 9.40
C THR A 327 1.73 7.15 10.85
N LEU A 328 2.64 7.55 11.75
CA LEU A 328 2.39 7.49 13.18
C LEU A 328 1.69 8.77 13.59
N PRO A 329 0.48 8.64 14.16
CA PRO A 329 -0.19 9.85 14.64
C PRO A 329 0.71 10.67 15.57
N VAL A 330 0.21 11.83 15.98
CA VAL A 330 0.89 12.66 16.97
C VAL A 330 0.69 12.06 18.38
N GLU A 331 -0.47 11.44 18.57
CA GLU A 331 -0.81 10.86 19.87
C GLU A 331 0.01 9.61 20.15
N LEU A 332 1.03 9.34 19.33
CA LEU A 332 1.85 8.14 19.49
C LEU A 332 3.35 8.39 19.46
N SER A 333 3.86 8.98 18.38
CA SER A 333 5.30 9.16 18.25
C SER A 333 5.83 10.21 19.23
N GLY A 334 4.95 11.12 19.62
CA GLY A 334 5.34 12.23 20.47
C GLY A 334 5.91 13.35 19.62
N LYS A 335 6.37 13.01 18.41
CA LYS A 335 6.88 14.00 17.46
C LYS A 335 5.90 15.16 17.33
N ASP A 336 6.36 16.24 16.69
CA ASP A 336 5.52 17.40 16.47
C ASP A 336 5.00 17.36 15.03
N CYS A 337 5.23 16.22 14.38
CA CYS A 337 4.79 16.04 13.01
C CYS A 337 4.53 14.55 12.73
N LEU A 338 3.86 14.27 11.61
CA LEU A 338 3.53 12.89 11.24
C LEU A 338 4.73 12.13 10.73
N VAL A 339 5.21 11.19 11.54
CA VAL A 339 6.35 10.36 11.16
C VAL A 339 5.99 9.48 9.97
N PRO A 340 6.75 9.64 8.87
CA PRO A 340 6.59 8.81 7.68
C PRO A 340 7.07 7.39 7.93
N CYS A 341 6.18 6.41 7.87
CA CYS A 341 6.57 5.01 7.92
C CYS A 341 6.08 4.31 6.66
N PHE A 342 6.55 3.10 6.44
CA PHE A 342 6.08 2.30 5.32
C PHE A 342 6.19 0.82 5.63
N TRP A 343 5.71 0.00 4.73
CA TRP A 343 5.85 -1.44 4.87
C TRP A 343 6.22 -2.06 3.54
N VAL A 344 6.66 -3.31 3.56
CA VAL A 344 7.03 -4.01 2.35
C VAL A 344 6.42 -5.39 2.42
N GLU A 345 5.72 -5.81 1.37
CA GLU A 345 5.16 -7.16 1.35
C GLU A 345 6.15 -8.05 0.66
N MET A 346 6.46 -9.19 1.26
CA MET A 346 7.42 -10.09 0.67
C MET A 346 6.74 -11.38 0.29
N ILE A 347 6.42 -11.51 -1.00
CA ILE A 347 5.65 -12.65 -1.49
C ILE A 347 6.50 -13.90 -1.71
N ARG A 348 5.87 -15.06 -1.52
CA ARG A 348 6.55 -16.34 -1.59
C ARG A 348 5.61 -17.36 -2.20
N GLY A 349 6.19 -18.38 -2.85
CA GLY A 349 5.40 -19.43 -3.44
C GLY A 349 5.17 -19.23 -4.93
N LYS A 350 3.92 -19.42 -5.36
CA LYS A 350 3.53 -19.24 -6.76
C LYS A 350 3.56 -17.78 -7.22
N PRO A 351 3.98 -17.55 -8.48
CA PRO A 351 4.30 -18.60 -9.46
C PRO A 351 5.78 -18.93 -9.61
N GLU A 352 6.61 -18.58 -8.63
CA GLU A 352 8.06 -18.73 -8.79
C GLU A 352 8.70 -19.89 -8.03
N GLU A 353 7.96 -20.48 -7.09
CA GLU A 353 8.53 -21.51 -6.22
C GLU A 353 7.63 -22.77 -6.21
N LYS A 354 8.16 -23.88 -5.68
CA LYS A 354 7.45 -25.16 -5.75
C LYS A 354 6.32 -25.26 -4.73
N THR A 355 5.21 -24.56 -4.97
CA THR A 355 4.10 -24.55 -4.02
C THR A 355 2.75 -24.48 -4.70
N ILE A 356 1.74 -25.08 -4.08
CA ILE A 356 0.38 -24.93 -4.57
C ILE A 356 -0.15 -23.56 -4.15
N TRP A 357 0.63 -22.83 -3.34
CA TRP A 357 0.09 -21.69 -2.62
C TRP A 357 0.84 -20.38 -2.83
N THR A 358 0.20 -19.30 -2.42
CA THR A 358 0.80 -17.99 -2.56
C THR A 358 0.39 -17.08 -1.42
N SER A 359 1.40 -16.60 -0.71
CA SER A 359 1.21 -15.82 0.50
C SER A 359 2.36 -14.84 0.61
N SER A 360 2.29 -13.96 1.60
CA SER A 360 3.37 -13.02 1.85
C SER A 360 3.51 -12.72 3.34
N SER A 361 4.73 -12.37 3.74
CA SER A 361 4.94 -11.80 5.07
C SER A 361 5.45 -10.35 4.90
N SER A 362 5.69 -9.64 5.99
CA SER A 362 6.06 -8.23 5.88
C SER A 362 7.24 -7.80 6.74
N ILE A 363 7.70 -6.58 6.51
CA ILE A 363 8.77 -5.94 7.28
C ILE A 363 8.47 -4.45 7.25
N VAL A 364 8.19 -3.86 8.41
CA VAL A 364 7.80 -2.45 8.45
C VAL A 364 8.97 -1.62 8.92
N MET A 365 9.03 -0.37 8.45
CA MET A 365 10.13 0.53 8.77
C MET A 365 9.58 1.92 9.13
N CYS A 366 10.37 2.72 9.83
CA CYS A 366 9.92 4.05 10.22
C CYS A 366 10.99 5.13 10.12
N GLY A 367 10.52 6.29 9.68
CA GLY A 367 11.26 7.53 9.64
C GLY A 367 11.76 7.98 10.99
N VAL A 368 13.09 8.03 11.06
CA VAL A 368 13.90 8.49 12.18
C VAL A 368 14.73 9.66 11.72
N ASP A 369 15.50 10.26 12.63
CA ASP A 369 16.24 11.50 12.35
C ASP A 369 17.70 11.28 11.97
N TYR A 370 18.07 10.02 11.79
CA TYR A 370 19.42 9.62 11.42
C TYR A 370 19.40 8.56 10.31
N GLU A 371 20.54 8.35 9.69
CA GLU A 371 20.66 7.32 8.66
C GLU A 371 20.87 5.98 9.32
N VAL A 372 20.38 4.93 8.66
CA VAL A 372 20.43 3.59 9.23
C VAL A 372 21.08 2.60 8.27
N ALA A 373 21.95 1.76 8.81
CA ALA A 373 22.67 0.76 8.03
C ALA A 373 21.77 -0.07 7.11
N ASP A 374 22.31 -0.41 5.95
CA ASP A 374 21.60 -1.25 5.01
C ASP A 374 21.68 -2.72 5.39
N TRP A 375 20.59 -3.44 5.16
CA TRP A 375 20.56 -4.87 5.42
C TRP A 375 19.39 -5.49 4.71
N SER A 376 19.18 -6.78 4.94
CA SER A 376 18.05 -7.50 4.39
C SER A 376 17.24 -8.25 5.43
N TRP A 377 16.01 -7.80 5.67
CA TRP A 377 15.06 -8.53 6.47
C TRP A 377 14.17 -9.33 5.54
N HIS A 378 14.65 -10.49 5.09
CA HIS A 378 13.93 -11.30 4.12
C HIS A 378 12.95 -12.24 4.81
N ASP A 379 11.93 -12.68 4.07
CA ASP A 379 10.91 -13.58 4.61
C ASP A 379 11.53 -14.70 5.43
N GLY A 380 12.45 -15.43 4.82
CA GLY A 380 13.23 -16.44 5.51
C GLY A 380 12.55 -17.79 5.66
N ALA A 381 11.52 -18.05 4.86
CA ALA A 381 10.79 -19.32 4.96
C ALA A 381 11.42 -20.36 4.05
N ILE A 382 11.31 -21.63 4.43
CA ILE A 382 11.86 -22.72 3.62
C ILE A 382 10.77 -23.46 2.85
N LEU A 383 10.79 -23.33 1.53
CA LEU A 383 9.80 -24.01 0.71
C LEU A 383 10.47 -25.15 -0.02
N PRO A 384 9.67 -26.15 -0.48
CA PRO A 384 8.22 -26.18 -0.33
C PRO A 384 7.82 -26.66 1.06
N PHE A 385 6.51 -26.64 1.35
CA PHE A 385 6.00 -27.19 2.59
C PHE A 385 5.60 -28.65 2.35
N ASP A 386 5.31 -29.38 3.41
CA ASP A 386 4.94 -30.78 3.29
C ASP A 386 3.77 -31.01 2.31
N ILE A 387 2.96 -30.00 2.07
CA ILE A 387 1.76 -30.14 1.29
C ILE A 387 2.06 -30.03 -0.20
N ASP A 388 3.35 -30.12 -0.55
CA ASP A 388 3.76 -30.16 -1.94
C ASP A 388 3.95 -31.61 -2.36
#